data_9CWN
#
_entry.id   9CWN
#
_cell.length_a   57.236
_cell.length_b   118.815
_cell.length_c   151.922
_cell.angle_alpha   90.000
_cell.angle_beta   90.000
_cell.angle_gamma   90.000
#
_symmetry.space_group_name_H-M   'I 2 2 2'
#
loop_
_entity.id
_entity.type
_entity.pdbx_description
1 polymer 'Peroxisome proliferator-activated receptor gamma'
2 polymer 'Nuclear receptor-interacting protein 1'
3 non-polymer '(2~{S})-3-[4-[2-[methyl(pyridin-2-yl)amino]ethoxy]phenyl]-2-[[2-(phenylcarbonyl)phenyl]amino]propanoic acid'
4 water water
#
loop_
_entity_poly.entity_id
_entity_poly.type
_entity_poly.pdbx_seq_one_letter_code
_entity_poly.pdbx_strand_id
1 'polypeptide(L)'
;GQLNPESADLRALAKHLYDSYIKSFPLTKAKARAILTGKTTDKSPFVIYDMNSLMMGEDKIKFKHITPLQEQSKEVAIRI
FQGCQFRSVEAVQEITEYAKSIPGFVNLDLNDQVTLLKYGVHEIIYTMLASLMNKDGVLISEGQGFMTREFLKSLRKPFG
DFMEPKFEFAVKFNALELDDSDLAIFIAVIILSGDRPGLLNVKPIEDIQDNLLQALELQLKLNHPESSQLFAKLLQKMTD
LRQIVTEHVQLLQVIKKTETDMSLHPLLQEIYKDLY
;
A
2 'polypeptide(L)' DSVRKGKQDSTLLASLLQSFSSR B
#
# COMPACT_ATOMS: atom_id res chain seq x y z
N SER A 7 3.16 -0.04 -27.84
CA SER A 7 3.07 -1.31 -27.13
C SER A 7 4.40 -2.04 -27.17
N ALA A 8 5.05 -1.97 -28.34
CA ALA A 8 6.32 -2.65 -28.51
C ALA A 8 7.42 -2.05 -27.65
N ASP A 9 7.37 -0.75 -27.35
CA ASP A 9 8.46 -0.16 -26.59
C ASP A 9 8.16 -0.33 -25.10
N LEU A 10 8.98 -1.15 -24.44
CA LEU A 10 8.82 -1.45 -23.02
C LEU A 10 9.35 -0.33 -22.15
N ARG A 11 10.36 0.39 -22.66
CA ARG A 11 10.95 1.50 -21.93
C ARG A 11 9.99 2.69 -21.88
N ALA A 12 9.24 2.92 -22.96
CA ALA A 12 8.24 3.98 -22.92
C ALA A 12 7.15 3.66 -21.91
N LEU A 13 6.75 2.38 -21.83
CA LEU A 13 5.76 1.98 -20.83
C LEU A 13 6.31 2.17 -19.42
N ALA A 14 7.57 1.81 -19.20
CA ALA A 14 8.17 1.99 -17.88
C ALA A 14 8.19 3.45 -17.49
N LYS A 15 8.59 4.33 -18.42
CA LYS A 15 8.66 5.75 -18.12
C LYS A 15 7.28 6.35 -17.90
N HIS A 16 6.29 5.92 -18.67
CA HIS A 16 4.93 6.41 -18.45
C HIS A 16 4.44 6.03 -17.05
N LEU A 17 4.62 4.77 -16.66
CA LEU A 17 4.19 4.32 -15.34
C LEU A 17 4.93 5.07 -14.23
N TYR A 18 6.24 5.26 -14.40
CA TYR A 18 7.01 5.99 -13.39
C TYR A 18 6.53 7.43 -13.26
N ASP A 19 6.27 8.09 -14.38
CA ASP A 19 5.77 9.46 -14.33
C ASP A 19 4.44 9.53 -13.61
N SER A 20 3.53 8.58 -13.87
CA SER A 20 2.26 8.54 -13.16
C SER A 20 2.45 8.21 -11.70
N TYR A 21 3.37 7.29 -11.41
CA TYR A 21 3.72 6.94 -10.03
C TYR A 21 4.13 8.17 -9.23
N ILE A 22 4.98 9.02 -9.81
CA ILE A 22 5.43 10.24 -9.14
C ILE A 22 4.27 11.20 -8.90
N LYS A 23 3.31 11.25 -9.82
CA LYS A 23 2.20 12.18 -9.68
C LYS A 23 1.18 11.71 -8.65
N SER A 24 1.05 10.39 -8.47
CA SER A 24 -0.03 9.86 -7.63
C SER A 24 0.41 9.66 -6.18
N PHE A 25 1.69 9.42 -5.92
CA PHE A 25 2.18 9.08 -4.59
C PHE A 25 3.12 10.17 -4.09
N PRO A 26 2.68 11.02 -3.16
CA PRO A 26 3.52 12.15 -2.72
C PRO A 26 4.85 11.75 -2.09
N LEU A 27 4.88 10.67 -1.32
CA LEU A 27 6.08 10.22 -0.61
C LEU A 27 6.60 8.96 -1.29
N THR A 28 7.61 9.13 -2.14
CA THR A 28 8.20 8.00 -2.84
C THR A 28 9.22 7.29 -1.94
N LYS A 29 9.70 6.14 -2.42
CA LYS A 29 10.72 5.41 -1.69
C LYS A 29 12.02 6.20 -1.62
N ALA A 30 12.41 6.85 -2.72
CA ALA A 30 13.63 7.64 -2.73
C ALA A 30 13.59 8.71 -1.64
N LYS A 31 12.48 9.43 -1.55
CA LYS A 31 12.35 10.45 -0.51
C LYS A 31 12.29 9.82 0.87
N ALA A 32 11.64 8.65 1.00
CA ALA A 32 11.56 7.98 2.29
C ALA A 32 12.93 7.52 2.75
N ARG A 33 13.74 6.99 1.83
CA ARG A 33 15.07 6.52 2.19
C ARG A 33 15.95 7.68 2.60
N ALA A 34 15.80 8.83 1.94
CA ALA A 34 16.55 10.02 2.33
C ALA A 34 16.19 10.47 3.73
N ILE A 35 14.93 10.31 4.12
CA ILE A 35 14.50 10.67 5.47
C ILE A 35 14.98 9.65 6.50
N LEU A 36 14.82 8.35 6.20
CA LEU A 36 15.18 7.32 7.17
C LEU A 36 16.68 7.25 7.42
N THR A 37 17.51 7.63 6.46
CA THR A 37 18.96 7.64 6.60
C THR A 37 19.51 9.00 6.99
N GLY A 38 18.64 9.99 7.19
CA GLY A 38 19.05 11.34 7.57
C GLY A 38 19.81 12.09 6.52
N LYS A 39 19.80 11.58 5.29
CA LYS A 39 20.55 12.22 4.21
C LYS A 39 19.59 13.09 3.40
N THR A 40 19.08 14.13 4.07
CA THR A 40 18.12 15.08 3.53
C THR A 40 18.30 16.39 4.25
N THR A 41 17.91 17.48 3.60
CA THR A 41 18.14 18.79 4.18
C THR A 41 17.16 19.08 5.32
N ASP A 42 15.94 18.55 5.22
CA ASP A 42 14.90 18.79 6.22
C ASP A 42 15.21 18.09 7.54
N LYS A 43 14.52 18.55 8.58
CA LYS A 43 14.71 18.09 9.94
C LYS A 43 14.24 16.64 10.10
N SER A 44 14.70 16.01 11.17
CA SER A 44 14.34 14.63 11.44
C SER A 44 12.84 14.54 11.74
N PRO A 45 12.21 13.41 11.43
CA PRO A 45 10.79 13.25 11.77
C PRO A 45 10.56 13.26 13.28
N PHE A 46 9.36 13.68 13.65
CA PHE A 46 8.92 13.52 15.04
C PHE A 46 8.70 12.05 15.32
N VAL A 47 9.24 11.57 16.44
CA VAL A 47 9.19 10.16 16.78
C VAL A 47 8.05 9.93 17.75
N ILE A 48 7.18 8.98 17.41
CA ILE A 48 6.04 8.59 18.22
C ILE A 48 6.35 7.20 18.74
N TYR A 49 6.64 7.11 20.04
CA TYR A 49 7.00 5.87 20.69
C TYR A 49 6.19 5.54 21.94
N ASP A 50 5.34 6.44 22.41
CA ASP A 50 4.49 6.15 23.57
C ASP A 50 3.27 7.06 23.51
N MET A 51 2.47 7.04 24.58
CA MET A 51 1.23 7.80 24.59
C MET A 51 1.53 9.30 24.55
N ASN A 52 2.55 9.72 25.30
CA ASN A 52 2.87 11.14 25.36
C ASN A 52 3.40 11.65 24.02
N SER A 53 4.33 10.92 23.40
CA SER A 53 4.86 11.37 22.12
C SER A 53 3.82 11.31 21.01
N LEU A 54 2.84 10.41 21.12
CA LEU A 54 1.73 10.39 20.18
C LEU A 54 0.86 11.62 20.38
N MET A 55 0.56 11.93 21.63
CA MET A 55 -0.26 13.07 21.98
C MET A 55 0.36 14.38 21.49
N MET A 56 1.68 14.44 21.49
CA MET A 56 2.44 15.61 21.09
C MET A 56 2.55 15.76 19.58
N GLY A 57 2.53 14.64 18.84
CA GLY A 57 2.59 14.68 17.40
C GLY A 57 1.25 14.49 16.72
N GLU A 58 0.19 14.33 17.52
CA GLU A 58 -1.12 13.96 17.02
C GLU A 58 -1.69 15.04 16.10
N ASP A 59 -1.48 16.31 16.44
CA ASP A 59 -2.06 17.37 15.64
C ASP A 59 -1.39 17.57 14.30
N LYS A 60 -0.28 16.88 14.03
CA LYS A 60 0.30 16.91 12.71
C LYS A 60 -0.19 15.75 11.84
N ILE A 61 -0.95 14.83 12.43
CA ILE A 61 -1.59 13.75 11.68
C ILE A 61 -2.86 14.29 11.03
N LYS A 62 -2.99 14.09 9.72
CA LYS A 62 -4.15 14.56 8.97
C LYS A 62 -5.43 13.86 9.44
N PHE A 63 -6.43 14.64 9.86
CA PHE A 63 -7.64 13.97 10.38
C PHE A 63 -8.85 14.91 10.49
N LYS A 64 -9.87 14.68 9.65
CA LYS A 64 -11.08 15.48 9.55
C LYS A 64 -12.32 14.67 9.91
N HIS A 65 -12.93 14.93 11.07
CA HIS A 65 -14.13 14.16 11.47
C HIS A 65 -15.09 15.08 12.24
N ILE A 66 -16.04 14.49 12.99
CA ILE A 66 -17.10 15.25 13.68
C ILE A 66 -16.54 16.06 14.84
N THR A 67 -15.58 15.52 15.57
CA THR A 67 -14.97 16.18 16.72
C THR A 67 -13.48 16.15 16.44
N GLU A 71 -10.06 14.61 20.77
CA GLU A 71 -11.22 14.21 21.55
C GLU A 71 -11.83 12.86 21.18
N GLN A 72 -11.28 12.10 20.22
CA GLN A 72 -11.95 10.86 19.84
C GLN A 72 -11.92 9.76 20.90
N SER A 73 -10.84 9.64 21.68
CA SER A 73 -10.87 8.54 22.65
C SER A 73 -9.71 8.67 23.64
N LYS A 74 -9.92 8.07 24.82
CA LYS A 74 -8.88 7.90 25.82
C LYS A 74 -7.86 6.79 25.52
N GLU A 75 -8.20 5.80 24.70
CA GLU A 75 -7.30 4.68 24.44
C GLU A 75 -6.31 4.93 23.31
N VAL A 76 -5.04 4.60 23.56
CA VAL A 76 -3.99 4.78 22.55
C VAL A 76 -4.24 3.86 21.34
N ALA A 77 -4.66 2.61 21.59
CA ALA A 77 -4.85 1.64 20.50
C ALA A 77 -5.92 2.11 19.53
N ILE A 78 -6.98 2.65 20.07
CA ILE A 78 -8.08 3.08 19.26
C ILE A 78 -7.78 4.36 18.56
N ARG A 79 -6.85 5.12 19.13
CA ARG A 79 -6.45 6.39 18.54
C ARG A 79 -5.61 6.12 17.29
N ILE A 80 -4.76 5.11 17.37
CA ILE A 80 -3.92 4.73 16.24
C ILE A 80 -4.75 4.00 15.20
N PHE A 81 -5.71 3.21 15.66
CA PHE A 81 -6.59 2.46 14.76
C PHE A 81 -7.37 3.43 13.89
N GLN A 82 -7.88 4.49 14.51
CA GLN A 82 -8.63 5.49 13.81
C GLN A 82 -7.81 6.30 12.84
N GLY A 83 -6.56 6.56 13.17
CA GLY A 83 -5.72 7.35 12.31
C GLY A 83 -5.10 6.59 11.18
N CYS A 84 -4.99 5.30 11.36
CA CYS A 84 -4.42 4.45 10.37
C CYS A 84 -5.45 4.16 9.32
N GLN A 85 -6.70 4.16 9.71
CA GLN A 85 -7.76 3.96 8.72
C GLN A 85 -8.01 5.21 7.89
N PHE A 86 -7.70 6.40 8.43
CA PHE A 86 -7.71 7.60 7.61
C PHE A 86 -6.65 7.53 6.52
N ARG A 87 -5.44 7.07 6.85
CA ARG A 87 -4.40 6.90 5.84
C ARG A 87 -4.80 5.85 4.81
N SER A 88 -5.38 4.75 5.25
CA SER A 88 -5.71 3.68 4.33
C SER A 88 -6.68 4.18 3.27
N VAL A 89 -7.64 5.01 3.67
CA VAL A 89 -8.59 5.60 2.75
C VAL A 89 -7.88 6.44 1.67
N GLU A 90 -6.92 7.30 2.06
CA GLU A 90 -6.22 8.07 1.04
C GLU A 90 -5.33 7.18 0.17
N ALA A 91 -4.78 6.11 0.75
CA ALA A 91 -3.97 5.20 -0.06
C ALA A 91 -4.81 4.57 -1.15
N VAL A 92 -6.02 4.14 -0.82
CA VAL A 92 -6.90 3.59 -1.85
C VAL A 92 -7.17 4.64 -2.93
N GLN A 93 -7.34 5.90 -2.52
CA GLN A 93 -7.59 6.96 -3.48
C GLN A 93 -6.36 7.21 -4.35
N GLU A 94 -5.17 7.17 -3.76
CA GLU A 94 -3.94 7.33 -4.54
C GLU A 94 -3.77 6.18 -5.53
N ILE A 95 -4.04 4.94 -5.10
CA ILE A 95 -3.86 3.79 -5.97
C ILE A 95 -4.89 3.79 -7.09
N THR A 96 -6.11 4.24 -6.78
CA THR A 96 -7.13 4.37 -7.82
C THR A 96 -6.70 5.36 -8.88
N GLU A 97 -6.11 6.49 -8.44
CA GLU A 97 -5.62 7.49 -9.39
C GLU A 97 -4.52 6.94 -10.27
N TYR A 98 -3.60 6.17 -9.67
CA TYR A 98 -2.54 5.54 -10.45
C TYR A 98 -3.08 4.48 -11.41
N ALA A 99 -4.08 3.72 -10.97
CA ALA A 99 -4.64 2.66 -11.79
C ALA A 99 -5.25 3.20 -13.09
N LYS A 100 -5.84 4.39 -13.04
CA LYS A 100 -6.44 4.97 -14.23
C LYS A 100 -5.42 5.39 -15.27
N SER A 101 -4.15 5.51 -14.89
CA SER A 101 -3.09 5.84 -15.83
C SER A 101 -2.44 4.63 -16.47
N ILE A 102 -2.72 3.42 -15.98
CA ILE A 102 -2.17 2.22 -16.59
C ILE A 102 -2.81 2.07 -17.95
N PRO A 103 -2.02 2.01 -19.03
CA PRO A 103 -2.60 1.98 -20.39
C PRO A 103 -3.53 0.78 -20.57
N GLY A 104 -4.76 1.08 -20.99
CA GLY A 104 -5.76 0.05 -21.20
C GLY A 104 -6.70 -0.20 -20.03
N PHE A 105 -6.37 0.31 -18.84
CA PHE A 105 -7.17 0.00 -17.66
C PHE A 105 -8.56 0.62 -17.73
N VAL A 106 -8.65 1.89 -18.11
CA VAL A 106 -9.94 2.56 -18.17
C VAL A 106 -10.76 2.11 -19.37
N ASN A 107 -10.15 1.38 -20.30
CA ASN A 107 -10.90 0.80 -21.40
C ASN A 107 -11.59 -0.51 -21.02
N LEU A 108 -11.21 -1.09 -19.89
CA LEU A 108 -11.81 -2.30 -19.38
C LEU A 108 -13.24 -2.05 -18.86
N ASP A 109 -13.99 -3.14 -18.74
CA ASP A 109 -15.31 -3.08 -18.13
C ASP A 109 -15.25 -2.43 -16.76
N LEU A 110 -16.18 -1.52 -16.50
CA LEU A 110 -16.17 -0.76 -15.25
C LEU A 110 -16.27 -1.68 -14.05
N ASN A 111 -17.05 -2.76 -14.18
CA ASN A 111 -17.18 -3.73 -13.11
C ASN A 111 -15.87 -4.48 -12.87
N ASP A 112 -15.08 -4.70 -13.93
CA ASP A 112 -13.79 -5.34 -13.77
C ASP A 112 -12.75 -4.40 -13.17
N GLN A 113 -12.81 -3.10 -13.54
CA GLN A 113 -11.95 -2.12 -12.88
C GLN A 113 -12.19 -2.12 -11.37
N VAL A 114 -13.46 -2.15 -10.96
CA VAL A 114 -13.78 -2.23 -9.54
C VAL A 114 -13.22 -3.51 -8.93
N THR A 115 -13.40 -4.64 -9.63
CA THR A 115 -12.93 -5.91 -9.10
C THR A 115 -11.42 -5.92 -8.95
N LEU A 116 -10.70 -5.43 -9.96
CA LEU A 116 -9.24 -5.38 -9.90
C LEU A 116 -8.77 -4.50 -8.74
N LEU A 117 -9.47 -3.39 -8.50
CA LEU A 117 -9.14 -2.53 -7.36
C LEU A 117 -9.45 -3.22 -6.04
N LYS A 118 -10.64 -3.83 -5.95
CA LYS A 118 -11.06 -4.47 -4.69
C LYS A 118 -10.01 -5.46 -4.17
N TYR A 119 -9.44 -6.27 -5.05
CA TYR A 119 -8.47 -7.27 -4.63
C TYR A 119 -7.03 -6.79 -4.69
N GLY A 120 -6.74 -5.71 -5.41
CA GLY A 120 -5.38 -5.26 -5.57
C GLY A 120 -4.87 -4.23 -4.57
N VAL A 121 -5.76 -3.38 -4.06
CA VAL A 121 -5.32 -2.19 -3.35
C VAL A 121 -4.50 -2.54 -2.10
N HIS A 122 -4.97 -3.51 -1.31
CA HIS A 122 -4.28 -3.83 -0.06
C HIS A 122 -2.93 -4.51 -0.30
N GLU A 123 -2.81 -5.30 -1.36
CA GLU A 123 -1.49 -5.84 -1.70
C GLU A 123 -0.53 -4.72 -2.07
N ILE A 124 -1.03 -3.70 -2.77
CA ILE A 124 -0.23 -2.53 -3.09
C ILE A 124 0.09 -1.72 -1.85
N ILE A 125 -0.89 -1.57 -0.94
CA ILE A 125 -0.66 -0.79 0.27
C ILE A 125 0.50 -1.37 1.05
N TYR A 126 0.51 -2.70 1.23
CA TYR A 126 1.56 -3.34 2.00
C TYR A 126 2.89 -3.34 1.25
N THR A 127 2.86 -3.37 -0.08
CA THR A 127 4.10 -3.22 -0.86
C THR A 127 4.73 -1.86 -0.62
N MET A 128 3.94 -0.78 -0.70
CA MET A 128 4.52 0.55 -0.58
C MET A 128 4.80 0.93 0.87
N LEU A 129 4.19 0.25 1.84
CA LEU A 129 4.58 0.43 3.24
C LEU A 129 6.04 0.07 3.46
N ALA A 130 6.52 -0.98 2.78
CA ALA A 130 7.92 -1.39 2.91
C ALA A 130 8.85 -0.25 2.56
N SER A 131 8.46 0.58 1.58
CA SER A 131 9.28 1.73 1.23
C SER A 131 9.41 2.71 2.39
N LEU A 132 8.43 2.73 3.30
CA LEU A 132 8.42 3.68 4.40
C LEU A 132 8.91 3.07 5.71
N MET A 133 9.41 1.84 5.68
CA MET A 133 9.77 1.12 6.89
C MET A 133 11.26 0.79 6.88
N ASN A 134 11.87 0.82 8.06
CA ASN A 134 13.09 0.11 8.36
C ASN A 134 12.78 -0.88 9.48
N LYS A 135 13.82 -1.54 9.98
CA LYS A 135 13.62 -2.55 11.02
C LYS A 135 13.08 -1.96 12.32
N ASP A 136 13.08 -0.63 12.47
CA ASP A 136 12.74 0.00 13.73
C ASP A 136 11.46 0.83 13.72
N GLY A 137 10.86 1.08 12.57
CA GLY A 137 9.66 1.89 12.55
C GLY A 137 9.22 2.21 11.14
N VAL A 138 8.15 3.01 11.06
CA VAL A 138 7.50 3.34 9.80
C VAL A 138 7.26 4.84 9.76
N LEU A 139 7.47 5.45 8.59
CA LEU A 139 7.18 6.86 8.39
C LEU A 139 5.68 7.08 8.26
N ILE A 140 5.20 8.18 8.84
CA ILE A 140 3.79 8.53 8.80
C ILE A 140 3.66 10.00 8.40
N SER A 141 2.45 10.37 7.98
CA SER A 141 2.11 11.75 7.63
C SER A 141 3.08 12.34 6.62
N GLU A 142 3.26 11.64 5.51
CA GLU A 142 4.09 12.09 4.39
C GLU A 142 5.53 12.38 4.85
N GLY A 143 6.06 11.52 5.70
CA GLY A 143 7.42 11.60 6.21
C GLY A 143 7.65 12.59 7.34
N GLN A 144 6.60 13.26 7.85
CA GLN A 144 6.80 14.22 8.93
C GLN A 144 7.00 13.53 10.27
N GLY A 145 6.50 12.30 10.45
CA GLY A 145 6.63 11.61 11.71
C GLY A 145 7.14 10.19 11.48
N PHE A 146 7.48 9.56 12.58
CA PHE A 146 8.05 8.21 12.56
C PHE A 146 7.51 7.49 13.78
N MET A 147 6.80 6.39 13.56
CA MET A 147 6.17 5.63 14.62
C MET A 147 6.93 4.31 14.73
N THR A 148 7.43 4.02 15.93
CA THR A 148 8.33 2.91 16.11
C THR A 148 7.60 1.57 16.09
N ARG A 149 8.33 0.55 15.64
CA ARG A 149 7.80 -0.81 15.59
C ARG A 149 7.46 -1.33 16.98
N GLU A 150 8.32 -1.04 17.96
CA GLU A 150 8.09 -1.49 19.33
C GLU A 150 6.80 -0.89 19.91
N PHE A 151 6.53 0.38 19.61
CA PHE A 151 5.32 1.02 20.10
C PHE A 151 4.07 0.37 19.51
N LEU A 152 4.08 0.14 18.20
CA LEU A 152 2.94 -0.54 17.57
C LEU A 152 2.74 -1.95 18.12
N LYS A 153 3.82 -2.63 18.46
CA LYS A 153 3.74 -3.99 19.00
C LYS A 153 3.29 -4.01 20.46
N SER A 154 3.47 -2.91 21.19
CA SER A 154 3.13 -2.84 22.61
C SER A 154 1.65 -2.57 22.84
N LEU A 155 0.88 -2.28 21.80
CA LEU A 155 -0.53 -2.02 21.96
C LEU A 155 -1.26 -3.27 22.43
N ARG A 156 -2.30 -3.06 23.23
CA ARG A 156 -3.05 -4.18 23.77
C ARG A 156 -3.68 -4.99 22.65
N LYS A 157 -3.94 -6.26 22.95
CA LYS A 157 -4.48 -7.17 21.94
C LYS A 157 -5.89 -6.73 21.52
N PRO A 158 -6.25 -6.90 20.24
CA PRO A 158 -5.41 -7.44 19.15
C PRO A 158 -4.65 -6.37 18.38
N PHE A 159 -4.66 -5.12 18.89
CA PHE A 159 -4.06 -4.01 18.16
C PHE A 159 -2.56 -4.17 17.95
N GLY A 160 -1.88 -4.79 18.90
CA GLY A 160 -0.44 -4.97 18.78
C GLY A 160 -0.02 -5.98 17.74
N ASP A 161 -0.98 -6.73 17.19
CA ASP A 161 -0.68 -7.78 16.22
C ASP A 161 -0.80 -7.31 14.77
N PHE A 162 -1.27 -6.10 14.52
CA PHE A 162 -1.53 -5.67 13.14
C PHE A 162 -0.24 -5.39 12.37
N MET A 163 0.62 -4.54 12.92
CA MET A 163 1.77 -4.04 12.15
C MET A 163 2.94 -5.00 12.10
N GLU A 164 3.09 -5.86 13.11
CA GLU A 164 4.29 -6.69 13.18
C GLU A 164 4.49 -7.55 11.93
N PRO A 165 3.48 -8.23 11.38
CA PRO A 165 3.71 -8.97 10.12
C PRO A 165 4.06 -8.08 8.95
N LYS A 166 3.65 -6.81 8.97
CA LYS A 166 4.04 -5.88 7.90
C LYS A 166 5.51 -5.52 8.00
N PHE A 167 6.02 -5.35 9.23
CA PHE A 167 7.45 -5.11 9.42
C PHE A 167 8.28 -6.31 9.00
N GLU A 168 7.84 -7.52 9.35
CA GLU A 168 8.57 -8.72 8.96
C GLU A 168 8.65 -8.85 7.44
N PHE A 169 7.54 -8.58 6.76
CA PHE A 169 7.57 -8.57 5.30
C PHE A 169 8.50 -7.49 4.76
N ALA A 170 8.47 -6.30 5.36
CA ALA A 170 9.24 -5.17 4.80
C ALA A 170 10.74 -5.41 4.87
N VAL A 171 11.24 -6.00 5.96
CA VAL A 171 12.68 -6.26 6.06
C VAL A 171 13.15 -7.17 4.92
N LYS A 172 12.41 -8.24 4.66
CA LYS A 172 12.77 -9.14 3.57
C LYS A 172 12.53 -8.50 2.22
N PHE A 173 11.45 -7.72 2.08
CA PHE A 173 11.16 -7.12 0.78
C PHE A 173 12.16 -6.03 0.46
N ASN A 174 12.54 -5.21 1.44
CA ASN A 174 13.51 -4.15 1.22
C ASN A 174 14.89 -4.71 0.87
N ALA A 175 15.18 -5.96 1.24
CA ALA A 175 16.45 -6.57 0.86
C ALA A 175 16.59 -6.72 -0.65
N LEU A 176 15.49 -6.72 -1.39
CA LEU A 176 15.57 -6.75 -2.84
C LEU A 176 16.05 -5.43 -3.41
N GLU A 177 16.00 -4.36 -2.63
CA GLU A 177 16.54 -3.05 -3.02
C GLU A 177 15.88 -2.53 -4.30
N LEU A 178 14.56 -2.66 -4.40
CA LEU A 178 13.87 -2.07 -5.52
C LEU A 178 13.82 -0.55 -5.33
N ASP A 179 13.69 0.17 -6.44
CA ASP A 179 13.49 1.61 -6.41
C ASP A 179 12.14 1.94 -7.01
N ASP A 180 11.83 3.25 -7.04
CA ASP A 180 10.53 3.71 -7.50
C ASP A 180 10.25 3.30 -8.94
N SER A 181 11.29 3.27 -9.78
N SER A 181 11.29 3.28 -9.78
CA SER A 181 11.10 2.86 -11.16
CA SER A 181 11.12 2.86 -11.16
C SER A 181 10.72 1.38 -11.24
C SER A 181 10.71 1.39 -11.23
N ASP A 182 11.29 0.55 -10.36
CA ASP A 182 10.89 -0.85 -10.32
C ASP A 182 9.47 -0.99 -9.78
N LEU A 183 9.19 -0.31 -8.67
CA LEU A 183 7.91 -0.49 -7.98
C LEU A 183 6.74 -0.01 -8.82
N ALA A 184 6.96 1.01 -9.65
CA ALA A 184 5.87 1.52 -10.48
C ALA A 184 5.32 0.44 -11.41
N ILE A 185 6.21 -0.33 -12.03
CA ILE A 185 5.75 -1.42 -12.90
C ILE A 185 5.18 -2.56 -12.06
N PHE A 186 5.81 -2.86 -10.93
CA PHE A 186 5.37 -3.99 -10.11
C PHE A 186 3.95 -3.82 -9.59
N ILE A 187 3.60 -2.61 -9.12
CA ILE A 187 2.24 -2.43 -8.61
C ILE A 187 1.22 -2.47 -9.74
N ALA A 188 1.61 -2.03 -10.95
CA ALA A 188 0.72 -2.17 -12.09
C ALA A 188 0.47 -3.63 -12.42
N VAL A 189 1.51 -4.46 -12.33
CA VAL A 189 1.36 -5.89 -12.52
C VAL A 189 0.34 -6.46 -11.53
N ILE A 190 0.37 -6.00 -10.28
CA ILE A 190 -0.52 -6.55 -9.27
C ILE A 190 -1.97 -6.21 -9.59
N ILE A 191 -2.22 -4.96 -10.01
CA ILE A 191 -3.59 -4.54 -10.31
C ILE A 191 -4.16 -5.35 -11.47
N LEU A 192 -3.34 -5.60 -12.48
CA LEU A 192 -3.80 -6.30 -13.67
C LEU A 192 -3.66 -7.81 -13.53
N SER A 193 -4.26 -8.35 -12.48
CA SER A 193 -4.25 -9.79 -12.23
C SER A 193 -5.52 -10.38 -12.83
N GLY A 194 -5.34 -11.29 -13.80
CA GLY A 194 -6.48 -11.86 -14.49
C GLY A 194 -7.20 -12.93 -13.71
N ASP A 195 -6.67 -13.32 -12.56
CA ASP A 195 -7.25 -14.38 -11.75
C ASP A 195 -8.00 -13.86 -10.52
N ARG A 196 -8.32 -12.57 -10.49
CA ARG A 196 -9.14 -12.04 -9.40
C ARG A 196 -10.53 -12.65 -9.47
N PRO A 197 -11.15 -12.96 -8.33
CA PRO A 197 -12.48 -13.57 -8.35
C PRO A 197 -13.52 -12.65 -8.98
N GLY A 198 -14.36 -13.21 -9.84
CA GLY A 198 -15.48 -12.49 -10.40
C GLY A 198 -15.17 -11.63 -11.61
N LEU A 199 -13.98 -11.74 -12.20
CA LEU A 199 -13.67 -10.97 -13.39
C LEU A 199 -14.53 -11.45 -14.56
N LEU A 200 -15.03 -10.50 -15.36
CA LEU A 200 -15.89 -10.86 -16.49
C LEU A 200 -15.10 -11.15 -17.76
N ASN A 201 -14.07 -10.36 -18.05
CA ASN A 201 -13.29 -10.53 -19.29
C ASN A 201 -11.83 -10.62 -18.87
N VAL A 202 -11.36 -11.86 -18.66
CA VAL A 202 -10.00 -12.09 -18.20
C VAL A 202 -8.99 -11.87 -19.31
N LYS A 203 -9.35 -12.25 -20.54
CA LYS A 203 -8.39 -12.24 -21.65
C LYS A 203 -7.82 -10.84 -21.85
N PRO A 204 -8.63 -9.77 -21.99
CA PRO A 204 -8.04 -8.43 -22.17
C PRO A 204 -7.22 -7.98 -20.99
N ILE A 205 -7.52 -8.46 -19.78
CA ILE A 205 -6.72 -8.12 -18.61
C ILE A 205 -5.35 -8.77 -18.70
N GLU A 206 -5.33 -10.06 -19.05
CA GLU A 206 -4.07 -10.77 -19.23
C GLU A 206 -3.23 -10.17 -20.35
N ASP A 207 -3.88 -9.64 -21.40
CA ASP A 207 -3.12 -8.99 -22.47
C ASP A 207 -2.35 -7.79 -21.95
N ILE A 208 -2.96 -7.02 -21.05
CA ILE A 208 -2.27 -5.86 -20.47
C ILE A 208 -1.15 -6.32 -19.54
N GLN A 209 -1.43 -7.31 -18.68
CA GLN A 209 -0.43 -7.79 -17.74
C GLN A 209 0.76 -8.41 -18.47
N ASP A 210 0.56 -8.96 -19.66
CA ASP A 210 1.68 -9.49 -20.42
C ASP A 210 2.72 -8.40 -20.72
N ASN A 211 2.28 -7.24 -21.20
CA ASN A 211 3.23 -6.16 -21.45
C ASN A 211 3.82 -5.63 -20.15
N LEU A 212 3.01 -5.51 -19.10
CA LEU A 212 3.53 -5.04 -17.82
C LEU A 212 4.59 -6.00 -17.28
N LEU A 213 4.35 -7.31 -17.42
CA LEU A 213 5.32 -8.30 -16.99
C LEU A 213 6.59 -8.24 -17.82
N GLN A 214 6.45 -8.05 -19.13
CA GLN A 214 7.61 -7.91 -20.01
C GLN A 214 8.40 -6.65 -19.66
N ALA A 215 7.70 -5.53 -19.43
CA ALA A 215 8.35 -4.29 -19.03
C ALA A 215 9.03 -4.43 -17.68
N LEU A 216 8.39 -5.14 -16.75
CA LEU A 216 9.00 -5.36 -15.44
C LEU A 216 10.28 -6.17 -15.54
N GLU A 217 10.25 -7.25 -16.33
CA GLU A 217 11.43 -8.10 -16.46
C GLU A 217 12.59 -7.33 -17.07
N LEU A 218 12.31 -6.55 -18.13
CA LEU A 218 13.35 -5.73 -18.74
C LEU A 218 13.84 -4.65 -17.77
N GLN A 219 12.93 -4.04 -17.01
CA GLN A 219 13.31 -3.03 -16.04
C GLN A 219 14.26 -3.57 -14.99
N LEU A 220 13.97 -4.77 -14.48
CA LEU A 220 14.81 -5.37 -13.44
C LEU A 220 16.17 -5.78 -13.99
N LYS A 221 16.22 -6.25 -15.24
CA LYS A 221 17.50 -6.64 -15.84
C LYS A 221 18.41 -5.44 -16.08
N LEU A 222 17.84 -4.30 -16.44
CA LEU A 222 18.60 -3.08 -16.69
C LEU A 222 19.00 -2.39 -15.40
N ASN A 223 18.09 -2.31 -14.44
CA ASN A 223 18.30 -1.56 -13.21
C ASN A 223 19.05 -2.39 -12.17
N HIS A 224 19.06 -3.71 -12.32
CA HIS A 224 19.75 -4.61 -11.40
C HIS A 224 20.46 -5.66 -12.23
N PRO A 225 21.49 -5.26 -12.99
CA PRO A 225 22.18 -6.25 -13.84
C PRO A 225 22.96 -7.28 -13.05
N GLU A 226 23.20 -7.03 -11.77
CA GLU A 226 23.88 -7.96 -10.89
C GLU A 226 22.93 -8.90 -10.15
N SER A 227 21.64 -8.58 -10.10
CA SER A 227 20.63 -9.38 -9.38
C SER A 227 19.98 -10.39 -10.30
N SER A 228 20.66 -11.52 -10.48
CA SER A 228 20.10 -12.62 -11.27
C SER A 228 18.84 -13.20 -10.63
N GLN A 229 17.84 -13.49 -11.47
CA GLN A 229 16.55 -14.04 -11.04
C GLN A 229 15.80 -13.13 -10.09
N LEU A 230 16.08 -11.82 -10.12
CA LEU A 230 15.28 -10.87 -9.35
C LEU A 230 13.82 -10.87 -9.77
N PHE A 231 13.56 -11.03 -11.08
CA PHE A 231 12.18 -11.14 -11.55
C PHE A 231 11.45 -12.27 -10.84
N ALA A 232 12.09 -13.44 -10.74
CA ALA A 232 11.45 -14.58 -10.09
C ALA A 232 11.28 -14.36 -8.60
N LYS A 233 12.27 -13.74 -7.94
CA LYS A 233 12.16 -13.48 -6.51
C LYS A 233 11.03 -12.50 -6.23
N LEU A 234 10.87 -11.49 -7.08
CA LEU A 234 9.83 -10.50 -6.81
C LEU A 234 8.45 -11.11 -6.99
N LEU A 235 8.27 -11.94 -8.02
CA LEU A 235 6.97 -12.59 -8.22
C LEU A 235 6.60 -13.46 -7.02
N GLN A 236 7.59 -14.09 -6.37
CA GLN A 236 7.34 -14.92 -5.19
C GLN A 236 6.91 -14.09 -3.98
N LYS A 237 7.23 -12.79 -3.96
CA LYS A 237 6.78 -11.91 -2.88
C LYS A 237 5.28 -11.69 -2.94
N MET A 238 4.68 -11.88 -4.12
CA MET A 238 3.24 -11.75 -4.27
C MET A 238 2.54 -12.73 -3.35
N THR A 239 3.19 -13.85 -3.04
CA THR A 239 2.56 -14.80 -2.14
C THR A 239 2.70 -14.35 -0.69
N ASP A 240 3.79 -13.66 -0.35
CA ASP A 240 3.86 -13.05 0.98
C ASP A 240 2.74 -12.05 1.21
N LEU A 241 2.45 -11.22 0.18
CA LEU A 241 1.42 -10.19 0.32
C LEU A 241 0.02 -10.77 0.52
N ARG A 242 -0.27 -11.93 -0.07
CA ARG A 242 -1.58 -12.54 0.13
C ARG A 242 -1.76 -13.06 1.55
N GLN A 243 -0.70 -13.59 2.17
CA GLN A 243 -0.83 -13.99 3.56
C GLN A 243 -1.09 -12.79 4.45
N ILE A 244 -0.44 -11.66 4.18
CA ILE A 244 -0.68 -10.46 4.98
C ILE A 244 -2.14 -10.05 4.88
N VAL A 245 -2.71 -10.05 3.68
CA VAL A 245 -4.12 -9.72 3.53
C VAL A 245 -4.98 -10.70 4.33
N THR A 246 -4.72 -12.00 4.15
CA THR A 246 -5.50 -13.04 4.85
C THR A 246 -5.42 -12.89 6.37
N GLU A 247 -4.21 -12.66 6.88
CA GLU A 247 -4.04 -12.48 8.32
C GLU A 247 -4.70 -11.19 8.78
N HIS A 248 -4.63 -10.14 7.96
CA HIS A 248 -5.20 -8.84 8.33
C HIS A 248 -6.72 -8.91 8.43
N VAL A 249 -7.38 -9.67 7.55
N VAL A 249 -7.37 -9.65 7.53
CA VAL A 249 -8.85 -9.71 7.58
CA VAL A 249 -8.82 -9.76 7.55
C VAL A 249 -9.33 -10.53 8.78
C VAL A 249 -9.29 -10.47 8.82
N GLN A 250 -8.54 -11.49 9.25
CA GLN A 250 -8.86 -12.18 10.50
C GLN A 250 -8.67 -11.26 11.70
N LEU A 251 -7.62 -10.44 11.68
CA LEU A 251 -7.44 -9.48 12.78
C LEU A 251 -8.59 -8.48 12.82
N LEU A 252 -9.04 -8.02 11.65
CA LEU A 252 -10.19 -7.12 11.63
C LEU A 252 -11.45 -7.79 12.18
N GLN A 253 -11.59 -9.12 12.01
CA GLN A 253 -12.76 -9.80 12.55
C GLN A 253 -12.71 -9.93 14.08
N VAL A 254 -11.54 -10.11 14.67
CA VAL A 254 -11.46 -10.06 16.13
C VAL A 254 -11.91 -8.70 16.63
N ILE A 255 -11.50 -7.63 15.93
CA ILE A 255 -11.94 -6.29 16.26
C ILE A 255 -13.46 -6.19 16.14
N LYS A 256 -14.02 -6.72 15.05
CA LYS A 256 -15.44 -6.59 14.79
C LYS A 256 -16.29 -7.33 15.82
N LYS A 257 -15.75 -8.43 16.38
CA LYS A 257 -16.51 -9.23 17.34
C LYS A 257 -16.29 -8.82 18.79
N THR A 258 -15.13 -8.23 19.11
CA THR A 258 -14.78 -8.00 20.51
C THR A 258 -14.61 -6.52 20.84
N GLU A 259 -14.56 -5.63 19.86
CA GLU A 259 -14.43 -4.22 20.14
C GLU A 259 -15.72 -3.51 19.72
N THR A 260 -16.03 -2.41 20.39
CA THR A 260 -17.32 -1.76 20.27
C THR A 260 -17.18 -0.38 19.65
N ASP A 261 -18.19 0.01 18.85
CA ASP A 261 -18.26 1.21 18.03
C ASP A 261 -17.30 1.25 16.85
N MET A 262 -16.31 0.35 16.81
CA MET A 262 -15.28 0.43 15.78
C MET A 262 -15.72 0.07 14.36
N SER A 263 -16.62 0.84 13.77
CA SER A 263 -17.08 0.56 12.41
C SER A 263 -16.09 1.16 11.40
N LEU A 264 -15.74 0.39 10.38
CA LEU A 264 -14.79 0.86 9.38
C LEU A 264 -15.41 1.91 8.47
N HIS A 265 -14.53 2.69 7.84
CA HIS A 265 -14.95 3.65 6.84
C HIS A 265 -15.73 2.93 5.73
N PRO A 266 -16.78 3.54 5.18
CA PRO A 266 -17.57 2.85 4.16
C PRO A 266 -16.76 2.27 3.01
N LEU A 267 -15.71 2.98 2.57
CA LEU A 267 -14.88 2.48 1.48
C LEU A 267 -14.16 1.20 1.89
N LEU A 268 -13.65 1.14 3.11
CA LEU A 268 -12.98 -0.07 3.55
C LEU A 268 -13.96 -1.22 3.75
N GLN A 269 -15.16 -0.92 4.26
CA GLN A 269 -16.18 -1.95 4.40
C GLN A 269 -16.54 -2.54 3.05
N GLU A 270 -16.65 -1.70 2.02
CA GLU A 270 -16.99 -2.20 0.68
C GLU A 270 -15.90 -3.11 0.14
N ILE A 271 -14.63 -2.77 0.37
CA ILE A 271 -13.52 -3.58 -0.13
C ILE A 271 -13.50 -4.94 0.53
N TYR A 272 -13.66 -4.96 1.86
CA TYR A 272 -13.54 -6.21 2.62
C TYR A 272 -14.80 -7.06 2.49
N LYS A 273 -15.92 -6.45 2.10
CA LYS A 273 -17.18 -7.16 1.99
C LYS A 273 -17.10 -8.16 0.82
N ASP A 274 -17.35 -9.43 1.13
CA ASP A 274 -17.30 -10.53 0.17
C ASP A 274 -15.91 -10.66 -0.45
N LEU A 275 -14.87 -10.20 0.24
CA LEU A 275 -13.50 -10.41 -0.19
C LEU A 275 -13.07 -11.84 0.11
N TYR A 276 -12.74 -12.60 -0.92
CA TYR A 276 -12.38 -14.01 -0.77
C TYR A 276 -13.45 -14.79 -0.02
N SER B 10 -22.49 -1.20 -2.06
CA SER B 10 -22.38 0.18 -2.55
C SER B 10 -21.46 0.24 -3.76
N THR B 11 -21.27 1.46 -4.28
CA THR B 11 -20.49 1.70 -5.49
C THR B 11 -19.41 2.75 -5.25
N LEU B 12 -18.81 2.74 -4.06
CA LEU B 12 -17.85 3.78 -3.71
C LEU B 12 -16.59 3.70 -4.56
N LEU B 13 -16.09 2.48 -4.80
CA LEU B 13 -14.90 2.32 -5.62
C LEU B 13 -15.13 2.85 -7.03
N ALA B 14 -16.31 2.59 -7.60
CA ALA B 14 -16.64 3.11 -8.92
C ALA B 14 -16.75 4.63 -8.91
N SER B 15 -16.99 5.25 -7.76
CA SER B 15 -17.06 6.71 -7.69
C SER B 15 -15.68 7.33 -7.84
N LEU B 16 -14.68 6.74 -7.18
CA LEU B 16 -13.30 7.22 -7.35
C LEU B 16 -12.81 7.02 -8.77
N LEU B 17 -13.33 5.99 -9.46
CA LEU B 17 -12.93 5.74 -10.83
C LEU B 17 -13.47 6.81 -11.78
N GLN B 18 -14.77 7.07 -11.72
CA GLN B 18 -15.40 8.03 -12.62
C GLN B 18 -15.04 9.44 -12.18
N SER B 19 -14.19 10.11 -12.95
CA SER B 19 -13.78 11.47 -12.66
C SER B 19 -14.19 12.43 -13.77
#